data_5GMT
#
_entry.id   5GMT
#
_cell.length_a   40.450
_cell.length_b   44.990
_cell.length_c   73.020
_cell.angle_alpha   82.57
_cell.angle_beta   88.79
_cell.angle_gamma   63.70
#
_symmetry.space_group_name_H-M   'P 1'
#
loop_
_entity.id
_entity.type
_entity.pdbx_description
1 polymer 'Alginate lyase'
2 water water
#
_entity_poly.entity_id   1
_entity_poly.type   'polypeptide(L)'
_entity_poly.pdbx_seq_one_letter_code
;MRGSHHHHHHGSATTVWSLSSVPHSSHVSTILGHFKPIYHDWGDDSISTSTKHSSSRALRIFYEKGSYSKVHDHRGAGFY
SRPSAISSSVDAMILKYDVYFENFGFGIGGKLPGLFGGENGEGAYKCSGGSNPSSCFSLRLMWRKDGDGELYAYIPTNQE
SGFKDRDDVIAHSTYGQSLGRGKFRFMNNKWHSISEEVHINTVGKTDGWVKICVQAEGHSQQCYTANHLRMRNTNSHHLR
GMFFSTFFGGSEKSYAAPNDCYSYFKNFQILTPSHAVVG
;
_entity_poly.pdbx_strand_id   A,B
#
# COMPACT_ATOMS: atom_id res chain seq x y z
N ALA A 13 33.52 9.86 -5.85
CA ALA A 13 32.12 9.83 -6.26
C ALA A 13 31.33 11.01 -5.68
N THR A 14 30.40 11.53 -6.47
CA THR A 14 29.61 12.67 -6.06
C THR A 14 28.48 12.27 -5.13
N THR A 15 28.35 12.96 -4.00
CA THR A 15 27.21 12.74 -3.11
C THR A 15 26.03 13.58 -3.59
N VAL A 16 24.92 12.92 -3.94
CA VAL A 16 23.76 13.64 -4.46
C VAL A 16 22.69 13.85 -3.39
N TRP A 17 22.70 13.03 -2.35
CA TRP A 17 21.74 13.16 -1.26
C TRP A 17 22.32 12.57 0.02
N SER A 18 22.01 13.19 1.16
CA SER A 18 22.36 12.61 2.44
C SER A 18 21.31 12.98 3.48
N LEU A 19 21.27 12.20 4.57
CA LEU A 19 20.38 12.49 5.68
C LEU A 19 21.09 12.05 6.96
N SER A 20 21.58 13.02 7.72
CA SER A 20 22.39 12.74 8.90
C SER A 20 21.53 12.28 10.05
N SER A 21 20.42 12.99 10.26
CA SER A 21 19.59 12.81 11.43
C SER A 21 18.16 13.13 11.08
N VAL A 22 17.23 12.78 11.96
CA VAL A 22 15.84 13.14 11.76
C VAL A 22 15.40 14.08 12.88
N PRO A 23 14.41 14.94 12.61
CA PRO A 23 13.98 15.87 13.66
C PRO A 23 13.27 15.20 14.83
N HIS A 24 13.31 15.84 16.00
CA HIS A 24 12.56 15.36 17.15
C HIS A 24 11.10 15.79 17.01
N SER A 25 10.28 14.92 16.41
CA SER A 25 8.89 15.24 16.13
C SER A 25 8.01 14.04 16.39
N SER A 26 6.76 14.27 16.79
CA SER A 26 5.81 13.17 16.90
C SER A 26 5.10 12.90 15.58
N HIS A 27 5.27 13.80 14.61
CA HIS A 27 4.62 13.66 13.30
C HIS A 27 5.51 12.88 12.36
N VAL A 28 5.06 11.70 11.94
CA VAL A 28 5.91 10.83 11.15
C VAL A 28 6.22 11.50 9.83
N SER A 29 5.24 12.23 9.30
CA SER A 29 5.50 12.96 8.05
C SER A 29 6.66 13.94 8.18
N THR A 30 6.85 14.52 9.37
CA THR A 30 7.95 15.42 9.60
C THR A 30 9.25 14.64 9.84
N ILE A 31 9.16 13.54 10.57
CA ILE A 31 10.32 12.67 10.78
C ILE A 31 10.95 12.29 9.44
N LEU A 32 10.09 11.94 8.48
CA LEU A 32 10.56 11.43 7.20
C LEU A 32 10.74 12.53 6.15
N GLY A 33 10.64 13.79 6.58
CA GLY A 33 10.62 14.90 5.64
C GLY A 33 11.73 14.92 4.60
N HIS A 34 12.98 14.73 5.03
CA HIS A 34 14.10 14.83 4.12
C HIS A 34 14.33 13.56 3.29
N PHE A 35 13.47 12.54 3.46
CA PHE A 35 13.51 11.38 2.56
C PHE A 35 12.65 11.66 1.32
N LYS A 36 11.88 12.74 1.37
CA LYS A 36 10.82 12.94 0.39
C LYS A 36 11.36 13.40 -0.97
N PRO A 37 10.66 13.09 -2.06
CA PRO A 37 9.37 12.39 -2.11
C PRO A 37 9.47 10.91 -1.75
N ILE A 38 8.47 10.43 -1.01
CA ILE A 38 8.41 9.02 -0.68
C ILE A 38 7.14 8.43 -1.26
N TYR A 39 7.17 7.12 -1.47
CA TYR A 39 6.10 6.40 -2.14
C TYR A 39 5.80 5.10 -1.39
N HIS A 40 4.52 4.79 -1.26
CA HIS A 40 4.10 3.54 -0.65
C HIS A 40 4.66 3.37 0.76
N ASP A 41 4.57 4.44 1.54
CA ASP A 41 4.98 4.45 2.93
C ASP A 41 3.97 3.70 3.80
N TRP A 42 4.49 2.93 4.75
CA TRP A 42 3.66 2.24 5.72
C TRP A 42 4.43 2.07 7.02
N GLY A 43 3.73 1.75 8.11
CA GLY A 43 4.39 1.46 9.37
C GLY A 43 4.55 2.60 10.34
N ASP A 44 3.68 3.61 10.24
CA ASP A 44 3.76 4.77 11.13
CA ASP A 44 3.68 4.78 11.15
C ASP A 44 3.85 4.38 12.61
N ASP A 45 3.10 3.37 13.02
CA ASP A 45 3.07 2.96 14.43
C ASP A 45 4.42 2.42 14.93
N SER A 46 5.32 2.05 14.02
CA SER A 46 6.67 1.59 14.39
C SER A 46 7.73 2.67 14.32
N ILE A 47 7.38 3.85 13.82
CA ILE A 47 8.37 4.88 13.54
C ILE A 47 8.48 5.90 14.67
N SER A 48 9.70 6.13 15.11
CA SER A 48 9.97 7.18 16.09
C SER A 48 11.41 7.66 15.91
N THR A 49 11.91 8.41 16.88
CA THR A 49 13.27 8.94 16.80
C THR A 49 13.95 8.78 18.15
N SER A 50 15.28 8.70 18.16
CA SER A 50 15.99 8.44 19.41
C SER A 50 17.45 8.82 19.31
N THR A 51 17.97 9.38 20.40
CA THR A 51 19.39 9.68 20.55
C THR A 51 20.07 8.73 21.53
N LYS A 52 19.42 7.61 21.84
CA LYS A 52 19.94 6.67 22.82
C LYS A 52 21.34 6.17 22.47
N HIS A 53 21.60 5.95 21.18
CA HIS A 53 22.86 5.34 20.75
C HIS A 53 23.76 6.26 19.95
N SER A 54 23.36 7.51 19.82
CA SER A 54 24.11 8.42 18.97
C SER A 54 23.75 9.87 19.21
N SER A 55 24.75 10.74 19.04
CA SER A 55 24.51 12.18 19.15
C SER A 55 23.51 12.64 18.10
N SER A 56 23.68 12.13 16.88
CA SER A 56 22.71 12.41 15.82
C SER A 56 21.41 11.70 16.15
N ARG A 57 20.29 12.41 16.10
CA ARG A 57 19.00 11.78 16.36
C ARG A 57 18.67 10.83 15.22
N ALA A 58 18.45 9.57 15.57
CA ALA A 58 18.29 8.52 14.58
C ALA A 58 16.84 8.17 14.32
N LEU A 59 16.57 7.68 13.13
CA LEU A 59 15.28 7.09 12.80
C LEU A 59 15.17 5.76 13.51
N ARG A 60 14.17 5.60 14.37
CA ARG A 60 14.06 4.36 15.14
C ARG A 60 12.84 3.57 14.71
N ILE A 61 13.06 2.29 14.46
CA ILE A 61 12.00 1.37 14.08
C ILE A 61 11.81 0.33 15.18
N PHE A 62 10.56 0.18 15.62
CA PHE A 62 10.21 -0.78 16.65
C PHE A 62 9.55 -2.01 16.04
N TYR A 63 10.06 -3.20 16.40
CA TYR A 63 9.44 -4.46 16.03
C TYR A 63 8.94 -5.14 17.29
N GLU A 64 7.63 -5.22 17.41
CA GLU A 64 7.02 -5.84 18.57
C GLU A 64 7.32 -7.33 18.60
N LYS A 65 7.52 -7.88 19.79
CA LYS A 65 7.66 -9.32 19.97
C LYS A 65 6.51 -10.02 19.25
N GLY A 66 6.83 -11.02 18.43
CA GLY A 66 5.79 -11.76 17.72
C GLY A 66 5.47 -11.22 16.34
N SER A 67 6.01 -10.05 16.00
CA SER A 67 5.62 -9.43 14.73
C SER A 67 6.40 -10.00 13.55
N TYR A 68 5.76 -9.96 12.39
CA TYR A 68 6.41 -10.23 11.12
C TYR A 68 5.53 -9.60 10.05
N SER A 69 5.84 -9.86 8.79
CA SER A 69 5.24 -9.11 7.68
C SER A 69 3.71 -9.10 7.67
N LYS A 70 3.08 -10.12 8.25
CA LYS A 70 1.63 -10.26 8.17
C LYS A 70 0.88 -9.73 9.40
N VAL A 71 1.63 -9.37 10.46
CA VAL A 71 1.02 -8.84 11.67
C VAL A 71 0.57 -7.39 11.48
N HIS A 72 -0.65 -7.07 11.92
CA HIS A 72 -1.26 -5.75 11.62
C HIS A 72 -0.49 -4.58 12.26
N ASP A 73 0.09 -4.82 13.44
CA ASP A 73 0.61 -3.72 14.26
C ASP A 73 2.09 -3.86 14.61
N HIS A 74 2.79 -2.72 14.65
CA HIS A 74 4.16 -2.62 15.10
C HIS A 74 5.08 -3.69 14.51
N ARG A 75 5.06 -3.82 13.19
CA ARG A 75 5.84 -4.88 12.56
C ARG A 75 7.04 -4.33 11.78
N GLY A 76 7.25 -3.02 11.82
CA GLY A 76 8.34 -2.40 11.10
C GLY A 76 7.84 -1.29 10.19
N ALA A 77 8.59 -0.93 9.18
CA ALA A 77 8.19 0.17 8.30
C ALA A 77 8.80 0.08 6.91
N GLY A 78 8.24 0.83 5.97
CA GLY A 78 8.73 0.78 4.61
C GLY A 78 8.33 2.01 3.82
N PHE A 79 9.20 2.40 2.90
CA PHE A 79 8.86 3.45 1.92
C PHE A 79 9.92 3.47 0.84
N TYR A 80 9.55 3.89 -0.36
CA TYR A 80 10.55 4.18 -1.37
C TYR A 80 10.87 5.66 -1.33
N SER A 81 12.15 5.98 -1.43
CA SER A 81 12.62 7.37 -1.38
C SER A 81 13.33 7.73 -2.67
N ARG A 82 12.89 8.80 -3.34
CA ARG A 82 13.53 9.26 -4.57
C ARG A 82 13.88 10.74 -4.46
N PRO A 83 14.97 11.05 -3.76
CA PRO A 83 15.37 12.46 -3.58
C PRO A 83 15.50 13.18 -4.92
N SER A 84 15.03 14.42 -5.00
CA SER A 84 14.91 15.10 -6.28
C SER A 84 16.27 15.30 -6.95
N ALA A 85 17.35 15.32 -6.15
CA ALA A 85 18.69 15.50 -6.71
C ALA A 85 19.15 14.36 -7.62
N ILE A 86 18.45 13.23 -7.57
CA ILE A 86 18.85 12.08 -8.39
C ILE A 86 18.28 12.21 -9.81
N SER A 87 19.16 12.18 -10.80
CA SER A 87 18.73 12.31 -12.18
C SER A 87 18.05 11.03 -12.66
N SER A 88 17.44 11.07 -13.84
CA SER A 88 16.59 9.97 -14.28
C SER A 88 17.29 8.92 -15.14
N SER A 89 18.62 9.03 -15.31
CA SER A 89 19.35 8.03 -16.06
C SER A 89 20.62 7.59 -15.34
N VAL A 90 20.47 7.33 -14.04
CA VAL A 90 21.61 6.90 -13.21
C VAL A 90 21.80 5.38 -13.25
N ASP A 91 23.00 4.95 -13.65
CA ASP A 91 23.28 3.52 -13.81
C ASP A 91 24.18 2.95 -12.74
N ALA A 92 24.76 3.83 -11.93
CA ALA A 92 25.56 3.40 -10.79
C ALA A 92 25.26 4.26 -9.57
N MET A 93 25.14 3.61 -8.42
CA MET A 93 24.74 4.31 -7.21
C MET A 93 25.36 3.61 -6.01
N ILE A 94 25.74 4.39 -5.00
CA ILE A 94 26.18 3.84 -3.73
C ILE A 94 25.25 4.32 -2.63
N LEU A 95 24.68 3.38 -1.88
CA LEU A 95 23.89 3.73 -0.71
C LEU A 95 24.70 3.45 0.54
N LYS A 96 24.76 4.41 1.46
CA LYS A 96 25.42 4.18 2.74
C LYS A 96 24.45 4.53 3.85
N TYR A 97 24.50 3.79 4.95
CA TYR A 97 23.80 4.19 6.16
C TYR A 97 24.39 3.43 7.33
N ASP A 98 24.18 3.96 8.54
CA ASP A 98 24.53 3.27 9.76
C ASP A 98 23.27 2.65 10.36
N VAL A 99 23.36 1.42 10.84
CA VAL A 99 22.25 0.81 11.57
C VAL A 99 22.71 0.16 12.88
N TYR A 100 21.96 0.44 13.95
CA TYR A 100 22.14 -0.21 15.25
C TYR A 100 21.06 -1.25 15.49
N PHE A 101 21.43 -2.45 15.91
CA PHE A 101 20.46 -3.47 16.28
C PHE A 101 20.36 -3.58 17.79
N GLU A 102 19.17 -3.34 18.33
CA GLU A 102 19.00 -3.42 19.78
C GLU A 102 18.09 -4.57 20.18
N ASN A 103 18.65 -5.52 20.94
CA ASN A 103 17.93 -6.69 21.46
C ASN A 103 17.53 -7.70 20.38
N PHE A 104 18.43 -7.91 19.42
CA PHE A 104 18.26 -8.95 18.40
C PHE A 104 19.00 -10.22 18.83
N GLY A 105 18.33 -11.37 18.87
CA GLY A 105 16.93 -11.49 18.51
C GLY A 105 16.66 -11.52 17.01
N PHE A 106 17.57 -12.08 16.22
CA PHE A 106 17.44 -12.02 14.75
C PHE A 106 16.40 -13.00 14.21
N GLY A 107 15.95 -13.93 15.05
CA GLY A 107 14.98 -14.92 14.63
C GLY A 107 15.51 -15.70 13.42
N ILE A 108 14.72 -15.76 12.35
CA ILE A 108 15.18 -16.39 11.13
C ILE A 108 15.13 -15.42 9.96
N GLY A 109 15.28 -14.13 10.26
CA GLY A 109 15.49 -13.15 9.22
C GLY A 109 14.49 -12.02 9.06
N GLY A 110 14.94 -10.98 8.38
CA GLY A 110 14.10 -9.83 8.09
C GLY A 110 14.80 -8.87 7.16
N LYS A 111 14.13 -7.76 6.87
CA LYS A 111 14.55 -6.85 5.80
C LYS A 111 15.36 -5.66 6.30
N LEU A 112 16.25 -5.17 5.44
CA LEU A 112 16.98 -3.92 5.67
C LEU A 112 16.98 -3.10 4.37
N PRO A 113 17.14 -1.77 4.48
CA PRO A 113 17.12 -0.90 3.30
C PRO A 113 18.19 -1.22 2.26
N GLY A 114 17.84 -1.07 0.98
CA GLY A 114 18.76 -1.23 -0.12
C GLY A 114 18.32 -0.34 -1.28
N LEU A 115 19.01 -0.43 -2.41
CA LEU A 115 18.62 0.37 -3.58
C LEU A 115 17.54 -0.33 -4.41
N PHE A 116 16.91 0.42 -5.31
CA PHE A 116 15.93 -0.13 -6.26
C PHE A 116 15.95 0.71 -7.54
N GLY A 117 15.35 0.19 -8.60
CA GLY A 117 15.22 0.93 -9.84
C GLY A 117 14.25 0.28 -10.80
N GLY A 118 14.25 0.75 -12.04
CA GLY A 118 13.36 0.23 -13.04
C GLY A 118 12.76 1.39 -13.82
N GLU A 119 11.47 1.29 -14.11
CA GLU A 119 10.74 2.35 -14.80
C GLU A 119 10.72 3.66 -14.02
N ASN A 120 10.39 4.76 -14.69
CA ASN A 120 10.41 6.06 -14.05
C ASN A 120 9.22 6.27 -13.10
N GLY A 121 8.21 5.44 -13.23
CA GLY A 121 6.97 5.64 -12.47
C GLY A 121 6.62 4.52 -11.52
N GLU A 122 5.33 4.23 -11.38
CA GLU A 122 4.84 3.25 -10.41
C GLU A 122 5.41 1.87 -10.63
N GLY A 123 5.80 1.55 -11.86
CA GLY A 123 6.41 0.28 -12.17
C GLY A 123 7.60 -0.03 -11.29
N ALA A 124 8.29 1.01 -10.82
CA ALA A 124 9.52 0.82 -10.06
C ALA A 124 9.26 0.27 -8.64
N TYR A 125 8.02 0.35 -8.18
CA TYR A 125 7.71 0.01 -6.78
C TYR A 125 7.08 -1.35 -6.62
N LYS A 126 7.20 -2.21 -7.63
CA LYS A 126 6.42 -3.46 -7.67
C LYS A 126 7.25 -4.73 -7.38
N CYS A 127 8.53 -4.56 -7.06
CA CYS A 127 9.39 -5.71 -6.90
C CYS A 127 9.57 -6.10 -5.43
N SER A 128 8.53 -6.70 -4.87
CA SER A 128 8.57 -7.17 -3.49
C SER A 128 7.43 -8.15 -3.32
N GLY A 129 7.39 -8.85 -2.19
CA GLY A 129 6.31 -9.80 -1.98
C GLY A 129 6.44 -10.93 -3.00
N GLY A 130 5.34 -11.33 -3.60
CA GLY A 130 5.42 -12.38 -4.59
C GLY A 130 5.51 -11.82 -5.99
N SER A 131 5.83 -10.53 -6.09
CA SER A 131 5.72 -9.79 -7.36
C SER A 131 7.07 -9.42 -7.98
N ASN A 132 7.26 -9.79 -9.24
CA ASN A 132 8.51 -9.45 -9.91
C ASN A 132 8.29 -9.15 -11.39
N PRO A 133 7.53 -8.09 -11.68
CA PRO A 133 7.22 -7.77 -13.07
C PRO A 133 8.44 -7.18 -13.75
N SER A 134 8.37 -7.05 -15.06
CA SER A 134 9.50 -6.56 -15.83
C SER A 134 9.57 -5.05 -15.82
N SER A 135 9.21 -4.45 -14.68
CA SER A 135 9.21 -3.00 -14.56
C SER A 135 10.20 -2.50 -13.51
N CYS A 136 10.87 -3.42 -12.83
CA CYS A 136 11.66 -3.01 -11.67
C CYS A 136 12.73 -4.03 -11.29
N PHE A 137 13.63 -3.60 -10.42
CA PHE A 137 14.48 -4.51 -9.67
C PHE A 137 14.64 -3.95 -8.26
N SER A 138 14.80 -4.80 -7.26
CA SER A 138 15.03 -4.26 -5.92
C SER A 138 16.17 -5.01 -5.25
N LEU A 139 16.96 -4.27 -4.48
CA LEU A 139 18.19 -4.80 -3.93
C LEU A 139 18.30 -4.48 -2.44
N ARG A 140 17.24 -4.79 -1.70
CA ARG A 140 17.31 -4.75 -0.23
C ARG A 140 18.36 -5.71 0.32
N LEU A 141 18.74 -5.48 1.58
CA LEU A 141 19.53 -6.46 2.31
C LEU A 141 18.58 -7.25 3.19
N MET A 142 19.04 -8.40 3.67
CA MET A 142 18.28 -9.12 4.68
C MET A 142 19.23 -9.58 5.76
N TRP A 143 18.72 -9.72 6.99
CA TRP A 143 19.43 -10.54 7.97
C TRP A 143 18.77 -11.90 7.96
N ARG A 144 19.46 -12.86 8.54
CA ARG A 144 18.97 -14.22 8.60
C ARG A 144 19.24 -14.74 10.00
N LYS A 145 19.02 -16.04 10.16
CA LYS A 145 19.42 -16.75 11.37
C LYS A 145 20.78 -16.30 11.87
N ASP A 146 20.89 -16.03 13.17
CA ASP A 146 22.16 -15.65 13.82
C ASP A 146 22.76 -14.35 13.30
N GLY A 147 21.93 -13.53 12.63
CA GLY A 147 22.42 -12.26 12.12
C GLY A 147 23.24 -12.33 10.83
N ASP A 148 23.34 -13.51 10.22
CA ASP A 148 23.97 -13.60 8.90
C ASP A 148 23.28 -12.62 7.94
N GLY A 149 24.06 -11.92 7.12
CA GLY A 149 23.49 -10.99 6.16
C GLY A 149 23.50 -11.51 4.73
N GLU A 150 22.72 -10.86 3.88
CA GLU A 150 22.71 -11.21 2.46
C GLU A 150 22.20 -10.03 1.65
N LEU A 151 22.49 -10.07 0.35
CA LEU A 151 21.76 -9.27 -0.64
C LEU A 151 20.49 -10.03 -0.97
N TYR A 152 19.33 -9.35 -0.93
CA TYR A 152 18.06 -10.01 -1.18
C TYR A 152 17.42 -9.38 -2.39
N ALA A 153 17.65 -10.01 -3.54
CA ALA A 153 17.44 -9.37 -4.83
C ALA A 153 16.19 -9.84 -5.56
N TYR A 154 15.35 -8.87 -5.94
CA TYR A 154 14.32 -9.09 -6.95
C TYR A 154 14.90 -8.62 -8.28
N ILE A 155 15.23 -9.57 -9.14
CA ILE A 155 15.87 -9.25 -10.41
C ILE A 155 15.21 -10.11 -11.50
N PRO A 156 15.38 -9.75 -12.78
CA PRO A 156 14.75 -10.51 -13.86
C PRO A 156 15.05 -12.02 -13.85
N THR A 157 14.12 -12.81 -14.39
CA THR A 157 14.33 -14.25 -14.36
C THR A 157 15.44 -14.71 -15.30
N ASN A 158 15.80 -13.89 -16.29
CA ASN A 158 16.81 -14.33 -17.26
C ASN A 158 18.24 -13.97 -16.81
N GLN A 159 18.72 -14.66 -15.78
CA GLN A 159 20.08 -14.46 -15.32
C GLN A 159 21.02 -15.32 -16.15
N GLU A 160 22.32 -15.20 -15.89
CA GLU A 160 23.33 -15.95 -16.64
C GLU A 160 23.13 -17.45 -16.49
N SER A 161 23.65 -18.22 -17.46
CA SER A 161 23.56 -19.67 -17.35
C SER A 161 24.17 -20.16 -16.03
N GLY A 162 23.50 -21.09 -15.38
CA GLY A 162 24.00 -21.68 -14.14
C GLY A 162 23.81 -20.82 -12.89
N PHE A 163 23.10 -19.70 -13.01
CA PHE A 163 22.91 -18.76 -11.90
C PHE A 163 22.47 -19.43 -10.60
N LYS A 164 21.44 -20.27 -10.70
CA LYS A 164 20.86 -20.92 -9.53
C LYS A 164 21.86 -21.81 -8.81
N ASP A 165 22.88 -22.28 -9.53
CA ASP A 165 23.87 -23.20 -8.97
C ASP A 165 25.15 -22.52 -8.47
N ARG A 166 25.18 -21.19 -8.55
CA ARG A 166 26.31 -20.42 -8.05
C ARG A 166 26.50 -20.64 -6.57
N ASP A 167 27.75 -20.69 -6.15
CA ASP A 167 28.08 -20.87 -4.74
C ASP A 167 27.54 -19.72 -3.87
N ASP A 168 27.41 -18.52 -4.46
CA ASP A 168 26.95 -17.36 -3.69
C ASP A 168 25.45 -17.13 -3.82
N VAL A 169 24.73 -18.11 -4.39
CA VAL A 169 23.30 -17.94 -4.65
C VAL A 169 22.45 -19.00 -3.97
N ILE A 170 21.46 -18.54 -3.22
CA ILE A 170 20.37 -19.39 -2.76
C ILE A 170 19.11 -18.86 -3.43
N ALA A 171 18.71 -19.55 -4.50
CA ALA A 171 17.67 -19.05 -5.40
C ALA A 171 16.27 -19.29 -4.86
N HIS A 172 15.31 -18.53 -5.37
CA HIS A 172 13.91 -18.81 -5.09
C HIS A 172 13.06 -18.61 -6.34
N SER A 173 12.01 -19.40 -6.46
CA SER A 173 11.20 -19.39 -7.65
C SER A 173 10.29 -18.17 -7.73
N THR A 174 9.91 -17.63 -6.58
CA THR A 174 8.91 -16.57 -6.51
C THR A 174 9.40 -15.34 -5.73
N TYR A 175 10.08 -15.58 -4.63
CA TYR A 175 10.56 -14.50 -3.76
C TYR A 175 11.94 -14.04 -4.18
N GLY A 176 12.58 -13.22 -3.34
CA GLY A 176 13.87 -12.68 -3.70
C GLY A 176 14.97 -13.73 -3.77
N GLN A 177 16.03 -13.43 -4.52
CA GLN A 177 17.21 -14.29 -4.56
C GLN A 177 18.13 -13.91 -3.41
N SER A 178 18.65 -14.91 -2.69
CA SER A 178 19.61 -14.64 -1.63
C SER A 178 21.01 -14.72 -2.19
N LEU A 179 21.71 -13.59 -2.18
CA LEU A 179 23.09 -13.53 -2.67
C LEU A 179 24.06 -13.22 -1.56
N GLY A 180 25.07 -14.07 -1.42
CA GLY A 180 26.13 -13.84 -0.47
C GLY A 180 25.76 -14.07 0.99
N ARG A 181 24.75 -14.88 1.24
CA ARG A 181 24.29 -15.10 2.62
C ARG A 181 25.42 -15.62 3.47
N GLY A 182 25.66 -14.94 4.59
CA GLY A 182 26.69 -15.35 5.53
C GLY A 182 28.06 -14.78 5.28
N LYS A 183 28.23 -14.09 4.15
CA LYS A 183 29.52 -13.47 3.83
C LYS A 183 29.78 -12.23 4.67
N PHE A 184 28.71 -11.67 5.22
CA PHE A 184 28.84 -10.65 6.25
C PHE A 184 27.79 -10.96 7.30
N ARG A 185 27.94 -10.38 8.49
CA ARG A 185 27.04 -10.73 9.58
C ARG A 185 26.79 -9.51 10.44
N PHE A 186 25.57 -9.45 10.98
CA PHE A 186 25.16 -8.37 11.85
C PHE A 186 25.27 -8.81 13.30
N MET A 187 25.69 -7.89 14.17
CA MET A 187 25.89 -8.18 15.58
C MET A 187 24.92 -7.42 16.46
N ASN A 188 24.33 -8.12 17.42
CA ASN A 188 23.45 -7.48 18.40
C ASN A 188 24.16 -6.36 19.17
N ASN A 189 23.41 -5.31 19.47
CA ASN A 189 23.85 -4.20 20.32
C ASN A 189 25.10 -3.48 19.81
N LYS A 190 25.18 -3.34 18.50
CA LYS A 190 26.28 -2.62 17.87
C LYS A 190 25.80 -1.77 16.70
N TRP A 191 26.52 -0.68 16.44
CA TRP A 191 26.35 0.07 15.21
C TRP A 191 27.05 -0.68 14.09
N HIS A 192 26.48 -0.59 12.89
CA HIS A 192 27.11 -1.12 11.68
C HIS A 192 27.12 -0.05 10.62
N SER A 193 28.23 0.14 9.94
CA SER A 193 28.22 0.99 8.76
C SER A 193 28.02 0.08 7.57
N ILE A 194 27.07 0.47 6.71
CA ILE A 194 26.69 -0.38 5.58
C ILE A 194 26.90 0.39 4.29
N SER A 195 27.56 -0.22 3.32
CA SER A 195 27.57 0.38 1.98
C SER A 195 27.10 -0.63 0.96
N GLU A 196 26.30 -0.16 0.01
CA GLU A 196 25.84 -1.00 -1.08
C GLU A 196 26.08 -0.25 -2.36
N GLU A 197 27.01 -0.75 -3.17
CA GLU A 197 27.36 -0.14 -4.44
C GLU A 197 26.79 -0.98 -5.57
N VAL A 198 26.01 -0.34 -6.42
CA VAL A 198 25.29 -1.05 -7.46
C VAL A 198 25.59 -0.47 -8.83
N HIS A 199 26.05 -1.32 -9.75
CA HIS A 199 26.22 -0.93 -11.14
C HIS A 199 25.33 -1.82 -11.97
N ILE A 200 24.32 -1.23 -12.61
CA ILE A 200 23.35 -2.07 -13.32
C ILE A 200 23.98 -2.53 -14.62
N ASN A 201 23.44 -3.60 -15.18
CA ASN A 201 24.01 -4.21 -16.38
C ASN A 201 23.86 -3.40 -17.65
N THR A 202 24.80 -3.61 -18.56
CA THR A 202 24.58 -3.27 -19.96
C THR A 202 23.38 -4.08 -20.44
N VAL A 203 22.43 -3.42 -21.11
CA VAL A 203 21.30 -4.16 -21.65
C VAL A 203 21.84 -5.18 -22.64
N GLY A 204 21.39 -6.42 -22.51
CA GLY A 204 21.86 -7.50 -23.36
C GLY A 204 22.96 -8.30 -22.70
N LYS A 205 23.41 -7.85 -21.53
CA LYS A 205 24.50 -8.54 -20.84
C LYS A 205 24.21 -8.83 -19.38
N THR A 206 24.97 -9.74 -18.81
CA THR A 206 24.91 -10.03 -17.37
C THR A 206 26.21 -9.53 -16.72
N ASP A 207 26.42 -8.22 -16.83
CA ASP A 207 27.64 -7.59 -16.36
C ASP A 207 27.39 -6.58 -15.24
N GLY A 208 26.19 -6.62 -14.66
CA GLY A 208 25.92 -5.74 -13.53
C GLY A 208 26.55 -6.33 -12.28
N TRP A 209 26.69 -5.53 -11.23
CA TRP A 209 27.19 -6.07 -9.96
C TRP A 209 26.74 -5.28 -8.75
N VAL A 210 26.82 -5.93 -7.59
CA VAL A 210 26.51 -5.31 -6.32
C VAL A 210 27.63 -5.65 -5.32
N LYS A 211 28.18 -4.63 -4.70
CA LYS A 211 29.20 -4.84 -3.67
C LYS A 211 28.66 -4.29 -2.36
N ILE A 212 28.56 -5.16 -1.36
CA ILE A 212 28.09 -4.76 -0.06
C ILE A 212 29.22 -4.88 0.95
N CYS A 213 29.45 -3.82 1.73
CA CYS A 213 30.42 -3.89 2.81
C CYS A 213 29.69 -3.57 4.10
N VAL A 214 29.98 -4.33 5.14
CA VAL A 214 29.38 -4.09 6.44
C VAL A 214 30.49 -4.04 7.48
N GLN A 215 30.44 -3.07 8.37
CA GLN A 215 31.42 -3.01 9.45
C GLN A 215 30.74 -2.71 10.76
N ALA A 216 30.75 -3.69 11.65
CA ALA A 216 30.28 -3.51 13.01
C ALA A 216 31.36 -2.74 13.77
N GLU A 217 30.94 -1.86 14.69
CA GLU A 217 31.94 -1.01 15.33
C GLU A 217 32.89 -1.91 16.12
N GLY A 218 34.19 -1.63 15.99
CA GLY A 218 35.20 -2.41 16.65
C GLY A 218 35.74 -3.57 15.83
N HIS A 219 35.09 -3.88 14.71
CA HIS A 219 35.45 -5.09 13.96
C HIS A 219 35.87 -4.76 12.54
N SER A 220 36.49 -5.74 11.89
CA SER A 220 36.92 -5.59 10.52
C SER A 220 35.73 -5.54 9.58
N GLN A 221 35.89 -4.73 8.54
CA GLN A 221 34.95 -4.67 7.44
C GLN A 221 34.83 -6.03 6.77
N GLN A 222 33.61 -6.46 6.46
CA GLN A 222 33.42 -7.63 5.62
C GLN A 222 32.66 -7.23 4.36
N CYS A 223 33.20 -7.58 3.19
CA CYS A 223 32.56 -7.19 1.95
C CYS A 223 32.19 -8.41 1.13
N TYR A 224 31.15 -8.28 0.32
CA TYR A 224 30.76 -9.31 -0.62
C TYR A 224 30.45 -8.66 -1.95
N THR A 225 30.99 -9.20 -3.03
CA THR A 225 30.64 -8.70 -4.35
C THR A 225 29.85 -9.74 -5.13
N ALA A 226 28.61 -9.40 -5.46
CA ALA A 226 27.80 -10.19 -6.38
C ALA A 226 28.05 -9.70 -7.81
N ASN A 227 28.75 -10.47 -8.62
CA ASN A 227 28.89 -9.97 -9.98
C ASN A 227 28.12 -10.84 -10.96
N HIS A 228 28.23 -10.47 -12.24
CA HIS A 228 27.52 -11.13 -13.32
C HIS A 228 26.02 -11.19 -13.07
N LEU A 229 25.45 -10.02 -12.78
CA LEU A 229 24.01 -9.87 -12.56
C LEU A 229 23.32 -9.14 -13.70
N ARG A 230 22.06 -9.50 -13.92
CA ARG A 230 21.18 -8.73 -14.79
C ARG A 230 20.10 -8.07 -13.95
N MET A 231 19.99 -6.74 -14.04
CA MET A 231 18.97 -6.00 -13.32
C MET A 231 17.85 -5.54 -14.25
N ARG A 232 18.19 -5.35 -15.52
CA ARG A 232 17.23 -4.77 -16.46
C ARG A 232 17.36 -5.39 -17.85
N ASN A 233 16.27 -5.37 -18.61
CA ASN A 233 16.30 -5.87 -19.99
C ASN A 233 16.03 -4.77 -21.00
N THR A 234 15.84 -3.56 -20.52
CA THR A 234 15.58 -2.45 -21.40
C THR A 234 16.33 -1.23 -20.90
N ASN A 235 16.70 -0.35 -21.83
CA ASN A 235 17.55 0.78 -21.51
C ASN A 235 16.85 1.92 -20.80
N SER A 236 15.53 1.86 -20.67
CA SER A 236 14.82 2.94 -20.02
C SER A 236 14.84 2.76 -18.50
N HIS A 237 15.27 1.58 -18.03
CA HIS A 237 15.38 1.31 -16.59
C HIS A 237 16.68 1.86 -16.01
N HIS A 238 16.58 2.51 -14.85
CA HIS A 238 17.74 3.04 -14.14
C HIS A 238 17.57 2.92 -12.64
N LEU A 239 18.61 3.23 -11.88
CA LEU A 239 18.50 3.24 -10.43
C LEU A 239 17.70 4.46 -10.02
N ARG A 240 16.80 4.30 -9.05
CA ARG A 240 15.89 5.38 -8.69
C ARG A 240 16.11 5.92 -7.28
N GLY A 241 16.66 5.10 -6.39
CA GLY A 241 16.85 5.56 -5.03
C GLY A 241 16.84 4.45 -4.01
N MET A 242 16.42 4.78 -2.79
CA MET A 242 16.46 3.84 -1.68
C MET A 242 15.11 3.22 -1.39
N PHE A 243 15.09 1.89 -1.29
CA PHE A 243 13.92 1.14 -0.84
C PHE A 243 14.10 0.92 0.65
N PHE A 244 13.54 1.82 1.47
CA PHE A 244 13.60 1.62 2.91
C PHE A 244 12.59 0.55 3.27
N SER A 245 13.07 -0.52 3.87
CA SER A 245 12.22 -1.68 4.12
C SER A 245 12.79 -2.43 5.31
N THR A 246 12.03 -2.59 6.38
CA THR A 246 12.51 -3.39 7.50
C THR A 246 11.33 -3.93 8.32
N PHE A 247 11.40 -5.24 8.54
CA PHE A 247 10.38 -6.01 9.24
C PHE A 247 10.93 -7.42 9.33
N PHE A 248 10.40 -8.22 10.24
CA PHE A 248 10.79 -9.63 10.32
C PHE A 248 10.01 -10.43 9.28
N GLY A 249 10.68 -11.38 8.64
CA GLY A 249 10.01 -12.26 7.69
C GLY A 249 10.39 -12.03 6.25
N GLY A 250 9.89 -12.88 5.35
CA GLY A 250 9.08 -14.03 5.70
C GLY A 250 7.60 -13.72 5.86
N SER A 251 6.77 -14.73 5.62
CA SER A 251 5.33 -14.50 5.53
C SER A 251 4.53 -15.40 6.46
N GLU A 252 5.21 -16.02 7.42
CA GLU A 252 4.54 -16.91 8.36
C GLU A 252 5.12 -16.76 9.77
N LYS A 253 4.39 -17.25 10.76
CA LYS A 253 4.70 -17.02 12.18
C LYS A 253 6.10 -17.50 12.58
N SER A 254 6.64 -18.51 11.90
CA SER A 254 7.99 -18.98 12.19
C SER A 254 9.02 -17.84 12.21
N TYR A 255 8.73 -16.76 11.48
CA TYR A 255 9.60 -15.60 11.38
C TYR A 255 9.31 -14.54 12.44
N ALA A 256 8.39 -14.82 13.37
CA ALA A 256 8.01 -13.82 14.37
C ALA A 256 9.22 -13.34 15.16
N ALA A 257 9.26 -12.05 15.45
CA ALA A 257 10.34 -11.48 16.23
C ALA A 257 10.33 -12.12 17.61
N PRO A 258 11.47 -12.69 18.01
CA PRO A 258 11.55 -13.34 19.34
C PRO A 258 11.46 -12.33 20.48
N ASN A 259 11.90 -11.09 20.23
CA ASN A 259 11.91 -10.04 21.24
C ASN A 259 11.22 -8.74 20.80
N ASP A 260 10.76 -7.95 21.77
CA ASP A 260 10.58 -6.54 21.54
C ASP A 260 11.96 -5.98 21.21
N CYS A 261 12.12 -5.40 20.02
CA CYS A 261 13.45 -4.96 19.62
C CYS A 261 13.37 -3.73 18.72
N TYR A 262 14.53 -3.11 18.51
CA TYR A 262 14.58 -1.81 17.86
C TYR A 262 15.78 -1.68 16.93
N SER A 263 15.57 -1.03 15.80
CA SER A 263 16.68 -0.64 14.98
C SER A 263 16.74 0.87 14.91
N TYR A 264 17.94 1.39 14.69
CA TYR A 264 18.19 2.82 14.60
C TYR A 264 18.99 3.11 13.34
N PHE A 265 18.58 4.13 12.58
CA PHE A 265 19.28 4.44 11.35
C PHE A 265 19.73 5.89 11.37
N LYS A 266 20.97 6.13 10.95
CA LYS A 266 21.47 7.49 10.80
C LYS A 266 22.45 7.57 9.63
N ASN A 267 22.90 8.78 9.28
CA ASN A 267 24.01 8.94 8.34
C ASN A 267 23.75 8.25 6.98
N PHE A 268 22.56 8.48 6.42
CA PHE A 268 22.24 8.06 5.06
C PHE A 268 23.02 8.87 4.02
N GLN A 269 23.49 8.20 2.96
CA GLN A 269 24.11 8.88 1.83
C GLN A 269 23.85 8.13 0.54
N ILE A 270 23.62 8.87 -0.55
CA ILE A 270 23.58 8.27 -1.86
C ILE A 270 24.59 8.99 -2.73
N LEU A 271 25.55 8.22 -3.25
CA LEU A 271 26.54 8.74 -4.18
C LEU A 271 26.35 8.15 -5.55
N THR A 272 26.85 8.84 -6.58
CA THR A 272 26.77 8.34 -7.94
C THR A 272 28.17 8.26 -8.56
N PRO A 273 28.83 7.10 -8.44
CA PRO A 273 30.14 6.94 -9.07
C PRO A 273 30.01 6.75 -10.57
N SER A 274 31.13 6.80 -11.28
CA SER A 274 31.12 6.50 -12.70
C SER A 274 30.69 5.06 -12.91
N HIS A 275 29.77 4.86 -13.85
CA HIS A 275 29.30 3.51 -14.21
C HIS A 275 30.43 2.64 -14.73
N ALA A 276 30.60 1.46 -14.15
CA ALA A 276 31.65 0.54 -14.58
C ALA A 276 31.14 -0.90 -14.48
N VAL A 277 30.81 -1.51 -15.61
CA VAL A 277 30.30 -2.87 -15.57
C VAL A 277 31.46 -3.87 -15.53
N VAL A 278 31.14 -5.10 -15.14
CA VAL A 278 32.15 -6.15 -15.07
C VAL A 278 31.64 -7.38 -15.79
N GLY A 279 32.23 -7.67 -16.94
CA GLY A 279 31.86 -8.81 -17.76
C GLY A 279 32.39 -10.14 -17.28
N ALA B 13 -26.23 13.95 14.58
CA ALA B 13 -25.02 13.13 14.46
C ALA B 13 -23.77 14.00 14.49
N THR B 14 -22.73 13.48 15.13
CA THR B 14 -21.47 14.21 15.28
C THR B 14 -20.44 13.80 14.23
N THR B 15 -19.72 14.78 13.70
CA THR B 15 -18.68 14.53 12.71
C THR B 15 -17.36 14.15 13.39
N VAL B 16 -16.86 12.95 13.11
CA VAL B 16 -15.65 12.48 13.76
C VAL B 16 -14.46 12.57 12.81
N TRP B 17 -14.74 12.60 11.52
CA TRP B 17 -13.69 12.78 10.55
C TRP B 17 -14.28 13.40 9.30
N SER B 18 -13.50 14.23 8.63
CA SER B 18 -13.92 14.78 7.35
C SER B 18 -12.71 15.19 6.54
N LEU B 19 -12.92 15.37 5.26
CA LEU B 19 -11.87 15.80 4.34
C LEU B 19 -12.54 16.63 3.26
N SER B 20 -12.41 17.95 3.34
CA SER B 20 -13.09 18.82 2.41
C SER B 20 -12.48 18.76 1.01
N SER B 21 -11.16 18.83 0.95
CA SER B 21 -10.44 18.88 -0.31
C SER B 21 -9.09 18.19 -0.12
N VAL B 22 -8.44 17.81 -1.21
CA VAL B 22 -7.11 17.22 -1.13
C VAL B 22 -6.05 18.27 -1.47
N PRO B 23 -4.82 18.08 -0.98
CA PRO B 23 -3.79 19.09 -1.30
C PRO B 23 -3.42 19.09 -2.78
N HIS B 24 -2.88 20.21 -3.25
CA HIS B 24 -2.35 20.32 -4.60
C HIS B 24 -0.98 19.64 -4.69
N SER B 25 -0.99 18.36 -5.05
CA SER B 25 0.24 17.57 -5.07
C SER B 25 0.18 16.53 -6.18
N SER B 26 1.34 16.15 -6.69
CA SER B 26 1.42 15.07 -7.67
C SER B 26 1.76 13.75 -6.99
N HIS B 27 2.07 13.81 -5.70
CA HIS B 27 2.50 12.62 -4.97
C HIS B 27 1.34 11.99 -4.20
N VAL B 28 1.01 10.74 -4.54
CA VAL B 28 -0.14 10.07 -3.95
C VAL B 28 -0.04 9.99 -2.43
N SER B 29 1.15 9.75 -1.90
CA SER B 29 1.32 9.67 -0.44
C SER B 29 0.91 10.98 0.26
N THR B 30 1.11 12.10 -0.43
CA THR B 30 0.64 13.40 0.05
C THR B 30 -0.85 13.60 -0.19
N ILE B 31 -1.31 13.26 -1.39
CA ILE B 31 -2.72 13.40 -1.72
C ILE B 31 -3.63 12.68 -0.73
N LEU B 32 -3.21 11.49 -0.31
CA LEU B 32 -4.03 10.64 0.55
C LEU B 32 -3.75 10.83 2.04
N GLY B 33 -2.89 11.79 2.38
CA GLY B 33 -2.46 11.98 3.76
C GLY B 33 -3.56 11.96 4.82
N HIS B 34 -4.63 12.71 4.59
CA HIS B 34 -5.65 12.82 5.61
C HIS B 34 -6.61 11.62 5.63
N PHE B 35 -6.42 10.66 4.72
CA PHE B 35 -7.16 9.40 4.83
C PHE B 35 -6.46 8.39 5.76
N LYS B 36 -5.20 8.68 6.08
CA LYS B 36 -4.36 7.69 6.75
C LYS B 36 -4.74 7.48 8.22
N PRO B 37 -4.49 6.26 8.73
CA PRO B 37 -3.85 5.12 8.08
C PRO B 37 -4.76 4.43 7.07
N ILE B 38 -4.18 4.06 5.95
CA ILE B 38 -4.92 3.32 4.94
C ILE B 38 -4.31 1.94 4.77
N TYR B 39 -5.14 1.01 4.32
CA TYR B 39 -4.76 -0.40 4.25
C TYR B 39 -5.17 -0.98 2.92
N HIS B 40 -4.32 -1.88 2.41
CA HIS B 40 -4.53 -2.56 1.14
C HIS B 40 -4.86 -1.58 0.03
N ASP B 41 -4.10 -0.49 0.02
CA ASP B 41 -4.23 0.55 -0.99
C ASP B 41 -3.61 0.11 -2.32
N TRP B 42 -4.22 0.55 -3.42
CA TRP B 42 -3.71 0.25 -4.76
C TRP B 42 -4.29 1.31 -5.71
N GLY B 43 -3.71 1.43 -6.91
CA GLY B 43 -4.28 2.31 -7.92
C GLY B 43 -3.65 3.68 -8.07
N ASP B 44 -2.44 3.84 -7.56
CA ASP B 44 -1.75 5.13 -7.58
C ASP B 44 -1.73 5.81 -8.94
N ASP B 45 -1.57 5.02 -10.00
CA ASP B 45 -1.48 5.59 -11.34
C ASP B 45 -2.75 6.37 -11.70
N SER B 46 -3.88 5.97 -11.13
CA SER B 46 -5.16 6.61 -11.43
C SER B 46 -5.38 7.88 -10.62
N ILE B 47 -4.55 8.12 -9.61
CA ILE B 47 -4.86 9.16 -8.63
C ILE B 47 -4.18 10.50 -8.94
N SER B 48 -4.97 11.56 -8.97
CA SER B 48 -4.42 12.91 -9.04
C SER B 48 -5.38 13.86 -8.36
N THR B 49 -5.22 15.17 -8.59
CA THR B 49 -6.11 16.14 -7.98
C THR B 49 -6.55 17.14 -9.03
N SER B 50 -7.69 17.78 -8.83
CA SER B 50 -8.21 18.69 -9.85
C SER B 50 -9.26 19.65 -9.33
N THR B 51 -9.19 20.89 -9.81
CA THR B 51 -10.22 21.87 -9.51
C THR B 51 -11.08 22.13 -10.73
N LYS B 52 -11.05 21.22 -11.71
CA LYS B 52 -11.76 21.44 -12.99
C LYS B 52 -13.27 21.62 -12.78
N HIS B 53 -13.83 20.89 -11.82
CA HIS B 53 -15.28 20.87 -11.63
C HIS B 53 -15.73 21.50 -10.34
N SER B 54 -14.80 22.03 -9.56
CA SER B 54 -15.10 22.58 -8.25
C SER B 54 -13.99 23.49 -7.75
N SER B 55 -14.35 24.56 -7.07
CA SER B 55 -13.35 25.42 -6.46
C SER B 55 -12.58 24.65 -5.40
N SER B 56 -13.26 23.75 -4.69
CA SER B 56 -12.60 22.81 -3.77
C SER B 56 -11.80 21.77 -4.57
N ARG B 57 -10.53 21.57 -4.22
CA ARG B 57 -9.69 20.64 -4.98
C ARG B 57 -10.12 19.21 -4.70
N ALA B 58 -10.48 18.50 -5.77
CA ALA B 58 -11.04 17.16 -5.66
C ALA B 58 -9.99 16.08 -5.93
N LEU B 59 -10.21 14.92 -5.31
CA LEU B 59 -9.44 13.72 -5.62
C LEU B 59 -9.89 13.20 -6.97
N ARG B 60 -9.00 13.18 -7.96
CA ARG B 60 -9.39 12.72 -9.29
C ARG B 60 -8.93 11.30 -9.56
N ILE B 61 -9.84 10.48 -10.10
CA ILE B 61 -9.54 9.10 -10.46
C ILE B 61 -9.69 8.94 -11.97
N PHE B 62 -8.66 8.43 -12.64
CA PHE B 62 -8.69 8.25 -14.08
C PHE B 62 -8.86 6.77 -14.42
N TYR B 63 -9.91 6.47 -15.19
CA TYR B 63 -10.14 5.13 -15.69
C TYR B 63 -9.91 5.15 -17.19
N GLU B 64 -8.85 4.51 -17.67
CA GLU B 64 -8.61 4.53 -19.11
C GLU B 64 -9.55 3.56 -19.83
N LYS B 65 -9.80 3.86 -21.11
CA LYS B 65 -10.57 2.99 -22.00
C LYS B 65 -10.16 1.52 -21.87
N GLY B 66 -11.15 0.65 -21.66
CA GLY B 66 -10.92 -0.77 -21.61
C GLY B 66 -10.59 -1.30 -20.23
N SER B 67 -10.38 -0.39 -19.28
CA SER B 67 -9.96 -0.82 -17.95
C SER B 67 -11.10 -1.48 -17.18
N TYR B 68 -10.74 -2.37 -16.27
CA TYR B 68 -11.66 -2.89 -15.27
C TYR B 68 -10.80 -3.44 -14.14
N SER B 69 -11.42 -4.13 -13.19
CA SER B 69 -10.74 -4.51 -11.95
C SER B 69 -9.41 -5.25 -12.17
N LYS B 70 -9.27 -5.95 -13.30
CA LYS B 70 -8.10 -6.78 -13.56
C LYS B 70 -7.15 -6.29 -14.66
N VAL B 71 -7.43 -5.17 -15.31
CA VAL B 71 -6.54 -4.74 -16.39
C VAL B 71 -6.38 -3.21 -16.54
N HIS B 72 -5.17 -2.85 -16.98
CA HIS B 72 -4.69 -1.50 -17.29
C HIS B 72 -4.18 -0.78 -16.04
N ASP B 73 -3.16 0.06 -16.21
CA ASP B 73 -2.57 0.79 -15.07
C ASP B 73 -3.51 1.83 -14.46
N HIS B 74 -4.35 2.41 -15.31
CA HIS B 74 -5.31 3.40 -14.85
C HIS B 74 -6.68 2.75 -14.82
N ARG B 75 -6.96 2.01 -13.74
CA ARG B 75 -8.21 1.24 -13.71
C ARG B 75 -9.06 1.64 -12.53
N GLY B 76 -8.60 2.63 -11.78
CA GLY B 76 -9.27 3.05 -10.55
C GLY B 76 -8.34 2.96 -9.35
N ALA B 77 -8.92 2.95 -8.16
CA ALA B 77 -8.11 2.87 -6.94
C ALA B 77 -8.95 2.33 -5.79
N GLY B 78 -8.26 1.86 -4.76
CA GLY B 78 -8.94 1.37 -3.58
C GLY B 78 -8.06 1.47 -2.35
N PHE B 79 -8.69 1.61 -1.19
CA PHE B 79 -8.00 1.54 0.10
C PHE B 79 -9.01 1.55 1.24
N TYR B 80 -8.68 0.87 2.33
CA TYR B 80 -9.46 0.99 3.57
C TYR B 80 -8.87 2.12 4.41
N SER B 81 -9.73 3.03 4.87
CA SER B 81 -9.30 4.18 5.67
C SER B 81 -9.83 4.08 7.08
N ARG B 82 -8.92 4.19 8.06
CA ARG B 82 -9.34 4.14 9.46
C ARG B 82 -8.77 5.32 10.25
N PRO B 83 -9.37 6.51 10.08
CA PRO B 83 -8.90 7.69 10.81
C PRO B 83 -8.91 7.44 12.31
N SER B 84 -7.92 7.97 13.01
CA SER B 84 -7.73 7.65 14.42
C SER B 84 -8.88 8.14 15.28
N ALA B 85 -9.59 9.17 14.83
CA ALA B 85 -10.68 9.74 15.61
C ALA B 85 -11.84 8.77 15.78
N ILE B 86 -11.92 7.76 14.92
CA ILE B 86 -13.04 6.82 14.98
C ILE B 86 -12.84 5.82 16.13
N SER B 87 -13.83 5.76 17.01
CA SER B 87 -13.82 4.83 18.14
C SER B 87 -13.91 3.37 17.69
N SER B 88 -13.50 2.44 18.55
CA SER B 88 -13.46 1.03 18.17
C SER B 88 -14.77 0.28 18.42
N SER B 89 -15.80 0.97 18.91
CA SER B 89 -17.09 0.34 19.23
C SER B 89 -18.28 1.02 18.56
N VAL B 90 -18.12 1.43 17.30
CA VAL B 90 -19.17 2.21 16.65
C VAL B 90 -20.15 1.31 15.87
N ASP B 91 -21.43 1.40 16.20
CA ASP B 91 -22.45 0.55 15.57
C ASP B 91 -23.32 1.28 14.56
N ALA B 92 -23.17 2.59 14.49
CA ALA B 92 -23.93 3.39 13.54
C ALA B 92 -23.04 4.48 12.98
N MET B 93 -23.06 4.61 11.66
CA MET B 93 -22.14 5.49 10.97
C MET B 93 -22.80 6.04 9.71
N ILE B 94 -22.57 7.31 9.43
CA ILE B 94 -22.96 7.91 8.15
C ILE B 94 -21.72 8.34 7.37
N LEU B 95 -21.60 7.85 6.15
CA LEU B 95 -20.57 8.30 5.22
C LEU B 95 -21.17 9.27 4.22
N LYS B 96 -20.53 10.42 4.02
CA LYS B 96 -20.94 11.39 3.01
C LYS B 96 -19.76 11.71 2.11
N TYR B 97 -20.01 11.92 0.82
CA TYR B 97 -19.01 12.48 -0.07
C TYR B 97 -19.71 12.97 -1.32
N ASP B 98 -19.05 13.84 -2.07
CA ASP B 98 -19.52 14.28 -3.38
C ASP B 98 -18.72 13.60 -4.46
N VAL B 99 -19.40 13.12 -5.50
CA VAL B 99 -18.70 12.51 -6.62
C VAL B 99 -19.20 13.07 -7.96
N TYR B 100 -18.25 13.38 -8.83
CA TYR B 100 -18.52 13.83 -10.20
C TYR B 100 -18.17 12.72 -11.19
N PHE B 101 -19.04 12.49 -12.17
CA PHE B 101 -18.73 11.54 -13.24
C PHE B 101 -18.46 12.30 -14.54
N GLU B 102 -17.25 12.16 -15.07
CA GLU B 102 -16.89 12.83 -16.32
C GLU B 102 -16.73 11.82 -17.46
N ASN B 103 -17.58 11.95 -18.48
CA ASN B 103 -17.57 11.10 -19.67
C ASN B 103 -17.94 9.64 -19.42
N PHE B 104 -18.99 9.41 -18.63
CA PHE B 104 -19.52 8.06 -18.42
C PHE B 104 -20.74 7.81 -19.32
N GLY B 105 -20.75 6.72 -20.09
CA GLY B 105 -19.68 5.74 -20.11
C GLY B 105 -19.71 4.77 -18.95
N PHE B 106 -20.91 4.43 -18.48
CA PHE B 106 -21.03 3.59 -17.29
C PHE B 106 -20.73 2.10 -17.56
N GLY B 107 -20.69 1.71 -18.83
CA GLY B 107 -20.48 0.30 -19.15
C GLY B 107 -21.58 -0.55 -18.53
N ILE B 108 -21.21 -1.61 -17.81
CA ILE B 108 -22.20 -2.39 -17.07
C ILE B 108 -21.90 -2.42 -15.57
N GLY B 109 -21.22 -1.39 -15.09
CA GLY B 109 -21.08 -1.24 -13.65
C GLY B 109 -19.68 -1.03 -13.12
N GLY B 110 -19.62 -0.55 -11.87
CA GLY B 110 -18.36 -0.28 -11.23
C GLY B 110 -18.56 0.14 -9.80
N LYS B 111 -17.46 0.29 -9.07
CA LYS B 111 -17.50 0.51 -7.62
C LYS B 111 -17.48 1.98 -7.23
N LEU B 112 -18.09 2.28 -6.08
CA LEU B 112 -17.98 3.58 -5.43
C LEU B 112 -17.75 3.38 -3.93
N PRO B 113 -17.15 4.37 -3.27
CA PRO B 113 -16.88 4.19 -1.83
C PRO B 113 -18.10 3.92 -0.98
N GLY B 114 -17.91 3.12 0.06
CA GLY B 114 -18.90 2.90 1.08
C GLY B 114 -18.23 2.54 2.40
N LEU B 115 -19.03 2.20 3.40
CA LEU B 115 -18.51 1.84 4.70
C LEU B 115 -18.17 0.35 4.79
N PHE B 116 -17.34 -0.01 5.76
CA PHE B 116 -16.99 -1.41 6.00
C PHE B 116 -16.80 -1.63 7.49
N GLY B 117 -16.76 -2.89 7.90
CA GLY B 117 -16.55 -3.15 9.29
C GLY B 117 -16.22 -4.60 9.54
N GLY B 118 -16.22 -4.97 10.81
CA GLY B 118 -15.87 -6.32 11.22
C GLY B 118 -14.86 -6.28 12.35
N GLU B 119 -13.95 -7.24 12.31
CA GLU B 119 -12.86 -7.36 13.25
C GLU B 119 -12.02 -6.06 13.36
N ASN B 120 -11.37 -5.85 14.50
CA ASN B 120 -10.52 -4.67 14.69
C ASN B 120 -9.17 -4.76 13.96
N GLY B 121 -8.92 -5.87 13.29
CA GLY B 121 -7.63 -6.06 12.64
C GLY B 121 -7.71 -6.42 11.17
N GLU B 122 -6.74 -7.21 10.69
CA GLU B 122 -6.62 -7.57 9.28
C GLU B 122 -7.89 -8.17 8.72
N GLY B 123 -8.61 -8.91 9.55
CA GLY B 123 -9.83 -9.57 9.10
C GLY B 123 -10.87 -8.61 8.54
N ALA B 124 -10.75 -7.33 8.88
CA ALA B 124 -11.73 -6.35 8.43
C ALA B 124 -11.59 -6.02 6.95
N TYR B 125 -10.46 -6.39 6.35
CA TYR B 125 -10.12 -5.95 4.98
C TYR B 125 -10.33 -7.04 3.95
N LYS B 126 -11.11 -8.06 4.29
CA LYS B 126 -11.16 -9.26 3.45
C LYS B 126 -12.46 -9.43 2.65
N CYS B 127 -13.38 -8.47 2.73
CA CYS B 127 -14.67 -8.66 2.07
C CYS B 127 -14.76 -7.93 0.74
N SER B 128 -14.16 -8.54 -0.28
CA SER B 128 -14.20 -8.06 -1.66
C SER B 128 -13.73 -9.22 -2.54
N GLY B 129 -13.85 -9.07 -3.85
CA GLY B 129 -13.46 -10.13 -4.75
C GLY B 129 -14.34 -11.35 -4.53
N GLY B 130 -13.73 -12.52 -4.46
CA GLY B 130 -14.51 -13.73 -4.22
C GLY B 130 -14.51 -14.11 -2.77
N SER B 131 -14.09 -13.18 -1.92
CA SER B 131 -13.83 -13.46 -0.51
C SER B 131 -14.87 -12.83 0.40
N ASN B 132 -15.43 -13.63 1.31
CA ASN B 132 -16.40 -13.12 2.27
C ASN B 132 -16.34 -13.85 3.61
N PRO B 133 -15.18 -13.76 4.31
CA PRO B 133 -15.07 -14.46 5.59
C PRO B 133 -15.92 -13.80 6.67
N SER B 134 -16.07 -14.45 7.81
CA SER B 134 -16.92 -13.94 8.87
C SER B 134 -16.28 -12.80 9.66
N SER B 135 -15.08 -12.37 9.25
CA SER B 135 -14.36 -11.32 9.96
C SER B 135 -14.75 -9.91 9.53
N CYS B 136 -15.63 -9.82 8.53
CA CYS B 136 -15.93 -8.53 7.93
C CYS B 136 -17.28 -8.43 7.22
N PHE B 137 -17.65 -7.20 6.89
CA PHE B 137 -18.70 -6.91 5.95
C PHE B 137 -18.29 -5.64 5.21
N SER B 138 -18.72 -5.50 3.96
CA SER B 138 -18.41 -4.26 3.24
C SER B 138 -19.67 -3.75 2.55
N LEU B 139 -19.82 -2.44 2.50
CA LEU B 139 -21.06 -1.85 2.01
C LEU B 139 -20.78 -0.76 1.00
N ARG B 140 -19.99 -1.11 -0.02
CA ARG B 140 -19.73 -0.20 -1.12
C ARG B 140 -20.99 0.07 -1.91
N LEU B 141 -20.97 1.13 -2.71
CA LEU B 141 -22.00 1.35 -3.70
C LEU B 141 -21.47 0.85 -5.03
N MET B 142 -22.35 0.60 -5.96
CA MET B 142 -21.96 0.37 -7.34
C MET B 142 -22.83 1.20 -8.28
N TRP B 143 -22.29 1.55 -9.45
CA TRP B 143 -23.16 1.94 -10.55
C TRP B 143 -23.31 0.69 -11.42
N ARG B 144 -24.31 0.70 -12.28
CA ARG B 144 -24.62 -0.41 -13.17
C ARG B 144 -24.89 0.17 -14.56
N LYS B 145 -25.36 -0.67 -15.48
CA LYS B 145 -25.72 -0.20 -16.82
C LYS B 145 -26.59 1.04 -16.73
N ASP B 146 -26.30 2.01 -17.60
CA ASP B 146 -27.06 3.26 -17.69
C ASP B 146 -26.99 4.13 -16.42
N GLY B 147 -26.03 3.87 -15.55
CA GLY B 147 -25.87 4.67 -14.35
C GLY B 147 -26.77 4.31 -13.18
N ASP B 148 -27.54 3.23 -13.31
CA ASP B 148 -28.34 2.78 -12.19
C ASP B 148 -27.45 2.52 -10.98
N GLY B 149 -27.93 2.87 -9.79
CA GLY B 149 -27.15 2.70 -8.57
C GLY B 149 -27.66 1.59 -7.68
N GLU B 150 -26.81 1.12 -6.77
CA GLU B 150 -27.18 0.07 -5.84
C GLU B 150 -26.25 0.06 -4.64
N LEU B 151 -26.71 -0.60 -3.59
CA LEU B 151 -25.85 -1.05 -2.50
C LEU B 151 -25.23 -2.38 -2.94
N TYR B 152 -23.91 -2.50 -2.79
CA TYR B 152 -23.23 -3.72 -3.22
C TYR B 152 -22.61 -4.34 -1.99
N ALA B 153 -23.32 -5.30 -1.40
CA ALA B 153 -23.06 -5.71 -0.04
C ALA B 153 -22.37 -7.06 0.05
N TYR B 154 -21.26 -7.07 0.79
CA TYR B 154 -20.65 -8.29 1.29
C TYR B 154 -21.11 -8.44 2.73
N ILE B 155 -22.02 -9.37 2.96
CA ILE B 155 -22.58 -9.58 4.29
C ILE B 155 -22.65 -11.07 4.55
N PRO B 156 -22.77 -11.48 5.83
CA PRO B 156 -22.79 -12.91 6.17
C PRO B 156 -23.86 -13.67 5.42
N THR B 157 -23.67 -14.99 5.29
CA THR B 157 -24.64 -15.80 4.59
C THR B 157 -25.91 -16.03 5.41
N ASN B 158 -25.87 -15.79 6.73
CA ASN B 158 -27.05 -16.09 7.55
C ASN B 158 -28.02 -14.91 7.63
N GLN B 159 -28.56 -14.52 6.47
CA GLN B 159 -29.60 -13.49 6.40
C GLN B 159 -30.95 -14.12 6.70
N GLU B 160 -31.98 -13.29 6.87
CA GLU B 160 -33.33 -13.78 7.16
C GLU B 160 -33.87 -14.65 6.03
N SER B 161 -34.87 -15.48 6.35
CA SER B 161 -35.51 -16.34 5.36
C SER B 161 -36.02 -15.56 4.14
N GLY B 162 -35.76 -16.10 2.95
CA GLY B 162 -36.25 -15.49 1.73
C GLY B 162 -35.48 -14.27 1.25
N PHE B 163 -34.31 -14.03 1.84
CA PHE B 163 -33.48 -12.87 1.49
C PHE B 163 -33.29 -12.77 -0.02
N LYS B 164 -32.88 -13.87 -0.65
CA LYS B 164 -32.61 -13.87 -2.08
C LYS B 164 -33.84 -13.59 -2.94
N ASP B 165 -35.03 -13.79 -2.37
CA ASP B 165 -36.26 -13.59 -3.10
C ASP B 165 -36.86 -12.19 -2.90
N ARG B 166 -36.19 -11.36 -2.11
CA ARG B 166 -36.63 -9.98 -1.88
C ARG B 166 -36.68 -9.17 -3.17
N ASP B 167 -37.69 -8.32 -3.30
CA ASP B 167 -37.84 -7.47 -4.48
C ASP B 167 -36.64 -6.52 -4.68
N ASP B 168 -36.01 -6.12 -3.58
CA ASP B 168 -34.89 -5.18 -3.64
C ASP B 168 -33.54 -5.89 -3.65
N VAL B 169 -33.55 -7.21 -3.86
CA VAL B 169 -32.32 -7.98 -3.92
C VAL B 169 -32.13 -8.64 -5.28
N ILE B 170 -30.95 -8.45 -5.86
CA ILE B 170 -30.49 -9.27 -6.98
C ILE B 170 -29.27 -10.01 -6.44
N ALA B 171 -29.46 -11.30 -6.17
CA ALA B 171 -28.46 -12.07 -5.44
C ALA B 171 -27.31 -12.52 -6.33
N HIS B 172 -26.18 -12.85 -5.72
CA HIS B 172 -25.08 -13.48 -6.43
C HIS B 172 -24.48 -14.60 -5.59
N SER B 173 -24.03 -15.65 -6.28
CA SER B 173 -23.48 -16.82 -5.61
C SER B 173 -22.16 -16.54 -4.90
N THR B 174 -21.37 -15.63 -5.47
CA THR B 174 -19.97 -15.54 -5.10
C THR B 174 -19.52 -14.12 -4.74
N TYR B 175 -20.02 -13.16 -5.49
CA TYR B 175 -19.63 -11.78 -5.30
C TYR B 175 -20.69 -11.05 -4.47
N GLY B 176 -20.70 -9.72 -4.51
CA GLY B 176 -21.58 -8.99 -3.61
C GLY B 176 -23.05 -9.16 -3.96
N GLN B 177 -23.93 -8.90 -2.98
CA GLN B 177 -25.36 -8.91 -3.23
C GLN B 177 -25.77 -7.50 -3.65
N SER B 178 -26.63 -7.41 -4.65
CA SER B 178 -27.11 -6.14 -5.14
C SER B 178 -28.39 -5.76 -4.47
N LEU B 179 -28.35 -4.66 -3.70
CA LEU B 179 -29.54 -4.20 -3.00
C LEU B 179 -30.01 -2.86 -3.53
N GLY B 180 -31.28 -2.78 -3.88
CA GLY B 180 -31.86 -1.52 -4.32
C GLY B 180 -31.41 -1.07 -5.70
N ARG B 181 -31.05 -2.00 -6.58
CA ARG B 181 -30.54 -1.60 -7.87
C ARG B 181 -31.58 -0.78 -8.63
N GLY B 182 -31.19 0.39 -9.10
CA GLY B 182 -32.07 1.24 -9.88
C GLY B 182 -32.99 2.11 -9.05
N LYS B 183 -32.91 2.00 -7.72
CA LYS B 183 -33.69 2.85 -6.82
C LYS B 183 -33.10 4.25 -6.79
N PHE B 184 -31.84 4.37 -7.19
CA PHE B 184 -31.25 5.67 -7.43
C PHE B 184 -30.37 5.52 -8.65
N ARG B 185 -30.00 6.64 -9.25
CA ARG B 185 -29.23 6.58 -10.49
C ARG B 185 -28.22 7.71 -10.52
N PHE B 186 -27.12 7.48 -11.24
CA PHE B 186 -26.09 8.49 -11.41
C PHE B 186 -26.17 9.06 -12.82
N MET B 187 -25.88 10.34 -12.94
CA MET B 187 -25.89 11.02 -14.22
C MET B 187 -24.49 11.41 -14.68
N ASN B 188 -24.26 11.27 -15.99
CA ASN B 188 -23.02 11.73 -16.60
C ASN B 188 -22.84 13.24 -16.50
N ASN B 189 -21.58 13.66 -16.35
CA ASN B 189 -21.17 15.07 -16.26
C ASN B 189 -21.92 15.84 -15.19
N LYS B 190 -22.11 15.24 -14.01
CA LYS B 190 -22.72 15.93 -12.89
C LYS B 190 -22.12 15.54 -11.55
N TRP B 191 -22.16 16.49 -10.62
CA TRP B 191 -21.86 16.21 -9.20
C TRP B 191 -23.02 15.50 -8.54
N HIS B 192 -22.71 14.60 -7.62
CA HIS B 192 -23.72 13.90 -6.83
C HIS B 192 -23.31 13.97 -5.39
N SER B 193 -24.22 14.38 -4.52
CA SER B 193 -23.97 14.23 -3.08
C SER B 193 -24.49 12.87 -2.64
N ILE B 194 -23.63 12.11 -1.99
CA ILE B 194 -24.00 10.77 -1.56
C ILE B 194 -23.97 10.68 -0.04
N SER B 195 -24.97 10.02 0.54
CA SER B 195 -24.90 9.68 1.96
C SER B 195 -25.25 8.22 2.13
N GLU B 196 -24.48 7.53 2.95
CA GLU B 196 -24.78 6.15 3.30
C GLU B 196 -24.81 6.03 4.80
N GLU B 197 -26.01 5.81 5.33
CA GLU B 197 -26.21 5.69 6.76
C GLU B 197 -26.36 4.23 7.09
N VAL B 198 -25.50 3.73 7.98
CA VAL B 198 -25.48 2.32 8.29
C VAL B 198 -25.72 2.09 9.78
N HIS B 199 -26.73 1.29 10.12
CA HIS B 199 -26.91 0.86 11.51
C HIS B 199 -26.79 -0.65 11.53
N ILE B 200 -25.69 -1.17 12.07
CA ILE B 200 -25.47 -2.59 12.01
C ILE B 200 -26.42 -3.29 12.98
N ASN B 201 -26.68 -4.57 12.70
CA ASN B 201 -27.68 -5.32 13.42
C ASN B 201 -27.31 -5.57 14.87
N THR B 202 -28.33 -5.68 15.71
CA THR B 202 -28.16 -6.23 17.03
C THR B 202 -27.65 -7.64 16.83
N VAL B 203 -26.61 -8.01 17.56
CA VAL B 203 -26.08 -9.37 17.45
C VAL B 203 -27.16 -10.32 17.90
N GLY B 204 -27.54 -11.25 17.02
CA GLY B 204 -28.62 -12.17 17.27
C GLY B 204 -29.84 -11.88 16.40
N LYS B 205 -29.88 -10.68 15.83
CA LYS B 205 -31.04 -10.23 15.07
C LYS B 205 -30.69 -9.81 13.65
N THR B 206 -31.70 -9.76 12.79
CA THR B 206 -31.56 -9.19 11.44
C THR B 206 -32.27 -7.84 11.38
N ASP B 207 -31.88 -6.93 12.27
CA ASP B 207 -32.52 -5.62 12.36
C ASP B 207 -31.61 -4.50 11.85
N GLY B 208 -30.55 -4.86 11.14
CA GLY B 208 -29.64 -3.86 10.62
C GLY B 208 -30.24 -3.16 9.41
N TRP B 209 -29.83 -1.92 9.15
CA TRP B 209 -30.30 -1.26 7.94
C TRP B 209 -29.31 -0.29 7.36
N VAL B 210 -29.46 -0.03 6.06
CA VAL B 210 -28.64 0.94 5.37
C VAL B 210 -29.53 1.86 4.56
N LYS B 211 -29.41 3.16 4.77
CA LYS B 211 -30.13 4.14 3.95
C LYS B 211 -29.15 4.90 3.09
N ILE B 212 -29.34 4.84 1.78
CA ILE B 212 -28.49 5.54 0.84
C ILE B 212 -29.31 6.63 0.14
N CYS B 213 -28.78 7.86 0.15
CA CYS B 213 -29.40 8.95 -0.58
C CYS B 213 -28.40 9.52 -1.59
N VAL B 214 -28.87 9.77 -2.80
CA VAL B 214 -28.05 10.33 -3.86
C VAL B 214 -28.78 11.53 -4.43
N GLN B 215 -28.07 12.65 -4.59
CA GLN B 215 -28.65 13.83 -5.18
C GLN B 215 -27.72 14.43 -6.24
N ALA B 216 -28.11 14.31 -7.50
CA ALA B 216 -27.39 15.00 -8.56
C ALA B 216 -27.58 16.51 -8.37
N GLU B 217 -26.52 17.27 -8.60
CA GLU B 217 -26.54 18.71 -8.32
C GLU B 217 -27.72 19.43 -8.97
N GLY B 218 -28.52 20.10 -8.15
CA GLY B 218 -29.67 20.82 -8.65
C GLY B 218 -30.89 19.95 -8.90
N HIS B 219 -30.76 18.64 -8.67
CA HIS B 219 -31.88 17.72 -8.88
C HIS B 219 -32.46 17.20 -7.55
N SER B 220 -33.58 16.49 -7.63
CA SER B 220 -34.22 15.92 -6.46
C SER B 220 -33.43 14.73 -5.96
N GLN B 221 -33.31 14.64 -4.64
CA GLN B 221 -32.69 13.51 -3.98
C GLN B 221 -33.47 12.21 -4.25
N GLN B 222 -32.75 11.10 -4.29
CA GLN B 222 -33.36 9.77 -4.28
C GLN B 222 -32.79 9.00 -3.10
N CYS B 223 -33.65 8.36 -2.33
CA CYS B 223 -33.20 7.57 -1.18
C CYS B 223 -33.71 6.15 -1.25
N TYR B 224 -32.87 5.21 -0.82
CA TYR B 224 -33.25 3.80 -0.72
C TYR B 224 -32.82 3.24 0.63
N THR B 225 -33.74 2.59 1.35
CA THR B 225 -33.39 1.95 2.62
C THR B 225 -33.45 0.44 2.46
N ALA B 226 -32.31 -0.21 2.60
CA ALA B 226 -32.26 -1.65 2.72
C ALA B 226 -32.44 -2.01 4.20
N ASN B 227 -33.53 -2.67 4.56
CA ASN B 227 -33.73 -3.02 5.97
C ASN B 227 -33.64 -4.53 6.20
N HIS B 228 -33.84 -4.93 7.44
CA HIS B 228 -33.80 -6.32 7.84
C HIS B 228 -32.52 -7.00 7.33
N LEU B 229 -31.39 -6.39 7.66
CA LEU B 229 -30.10 -6.92 7.26
C LEU B 229 -29.31 -7.48 8.43
N ARG B 230 -28.46 -8.46 8.14
CA ARG B 230 -27.44 -8.90 9.09
C ARG B 230 -26.04 -8.53 8.57
N MET B 231 -25.34 -7.69 9.32
CA MET B 231 -23.94 -7.34 9.01
C MET B 231 -22.97 -8.21 9.82
N ARG B 232 -23.30 -8.46 11.09
CA ARG B 232 -22.34 -9.07 12.02
C ARG B 232 -22.95 -10.18 12.89
N ASN B 233 -22.07 -10.97 13.51
CA ASN B 233 -22.49 -12.06 14.38
C ASN B 233 -21.80 -12.05 15.75
N THR B 234 -21.01 -11.01 16.03
CA THR B 234 -20.40 -10.90 17.35
C THR B 234 -20.22 -9.43 17.71
N ASN B 235 -20.18 -9.14 19.01
CA ASN B 235 -20.16 -7.77 19.48
C ASN B 235 -18.78 -7.13 19.39
N SER B 236 -17.77 -7.93 19.03
CA SER B 236 -16.42 -7.39 18.87
C SER B 236 -16.28 -6.77 17.48
N HIS B 237 -17.30 -6.93 16.65
CA HIS B 237 -17.32 -6.36 15.30
C HIS B 237 -18.16 -5.11 15.22
N HIS B 238 -17.58 -4.08 14.61
CA HIS B 238 -18.22 -2.78 14.52
C HIS B 238 -17.88 -2.15 13.17
N LEU B 239 -18.45 -0.97 12.92
CA LEU B 239 -18.09 -0.21 11.73
C LEU B 239 -16.68 0.36 11.90
N ARG B 240 -15.86 0.22 10.86
CA ARG B 240 -14.46 0.63 10.95
C ARG B 240 -14.11 1.89 10.16
N GLY B 241 -14.94 2.25 9.19
CA GLY B 241 -14.68 3.44 8.41
C GLY B 241 -15.00 3.29 6.94
N MET B 242 -14.30 4.06 6.10
CA MET B 242 -14.58 4.08 4.67
C MET B 242 -13.70 3.13 3.89
N PHE B 243 -14.34 2.28 3.08
CA PHE B 243 -13.71 1.48 2.04
C PHE B 243 -13.76 2.34 0.78
N PHE B 244 -12.68 3.09 0.50
CA PHE B 244 -12.61 3.80 -0.77
C PHE B 244 -12.37 2.75 -1.85
N SER B 245 -13.23 2.71 -2.84
CA SER B 245 -13.16 1.67 -3.85
C SER B 245 -13.83 2.13 -5.13
N THR B 246 -13.09 2.20 -6.22
CA THR B 246 -13.73 2.56 -7.47
C THR B 246 -12.93 2.04 -8.67
N PHE B 247 -13.65 1.39 -9.58
CA PHE B 247 -13.09 0.75 -10.77
C PHE B 247 -14.27 0.22 -11.56
N PHE B 248 -14.09 -0.06 -12.85
CA PHE B 248 -15.14 -0.75 -13.59
C PHE B 248 -15.09 -2.23 -13.28
N GLY B 249 -16.26 -2.85 -13.13
CA GLY B 249 -16.35 -4.28 -12.86
C GLY B 249 -16.91 -4.64 -11.51
N GLY B 250 -17.07 -5.93 -11.26
CA GLY B 250 -16.80 -6.98 -12.25
C GLY B 250 -15.36 -7.46 -12.29
N SER B 251 -15.17 -8.69 -12.74
CA SER B 251 -13.85 -9.31 -12.78
C SER B 251 -13.43 -9.80 -14.16
N GLU B 252 -14.08 -9.30 -15.20
CA GLU B 252 -13.78 -9.79 -16.54
C GLU B 252 -14.04 -8.75 -17.62
N LYS B 253 -13.63 -9.08 -18.84
CA LYS B 253 -13.68 -8.15 -19.96
C LYS B 253 -15.03 -7.54 -20.27
N SER B 254 -16.12 -8.20 -19.91
CA SER B 254 -17.46 -7.65 -20.15
C SER B 254 -17.63 -6.28 -19.51
N TYR B 255 -16.92 -6.05 -18.43
CA TYR B 255 -17.05 -4.82 -17.66
C TYR B 255 -16.12 -3.70 -18.11
N ALA B 256 -15.34 -3.94 -19.16
CA ALA B 256 -14.35 -2.96 -19.62
C ALA B 256 -14.95 -1.56 -19.83
N ALA B 257 -14.23 -0.54 -19.40
CA ALA B 257 -14.70 0.84 -19.55
C ALA B 257 -14.79 1.23 -21.02
N PRO B 258 -15.94 1.79 -21.43
CA PRO B 258 -16.03 2.15 -22.84
C PRO B 258 -15.15 3.35 -23.23
N ASN B 259 -14.89 4.26 -22.28
CA ASN B 259 -14.18 5.51 -22.53
C ASN B 259 -13.05 5.80 -21.54
N ASP B 260 -12.07 6.59 -21.98
CA ASP B 260 -11.26 7.35 -21.02
C ASP B 260 -12.25 8.22 -20.25
N CYS B 261 -12.26 8.11 -18.94
CA CYS B 261 -13.21 8.85 -18.13
C CYS B 261 -12.62 9.13 -16.75
N TYR B 262 -13.27 9.98 -15.98
CA TYR B 262 -12.71 10.48 -14.73
C TYR B 262 -13.79 10.64 -13.68
N SER B 263 -13.46 10.32 -12.44
CA SER B 263 -14.34 10.69 -11.34
C SER B 263 -13.61 11.63 -10.41
N TYR B 264 -14.38 12.41 -9.66
CA TYR B 264 -13.82 13.43 -8.78
C TYR B 264 -14.53 13.33 -7.44
N PHE B 265 -13.76 13.31 -6.35
CA PHE B 265 -14.33 13.20 -5.01
C PHE B 265 -13.95 14.37 -4.15
N LYS B 266 -14.92 14.89 -3.39
CA LYS B 266 -14.62 15.95 -2.44
C LYS B 266 -15.60 15.89 -1.26
N ASN B 267 -15.33 16.66 -0.21
CA ASN B 267 -16.29 16.83 0.88
C ASN B 267 -16.66 15.50 1.54
N PHE B 268 -15.64 14.72 1.86
CA PHE B 268 -15.82 13.49 2.65
C PHE B 268 -16.23 13.81 4.09
N GLN B 269 -17.17 13.05 4.64
CA GLN B 269 -17.53 13.17 6.05
C GLN B 269 -17.88 11.81 6.63
N ILE B 270 -17.49 11.57 7.87
CA ILE B 270 -17.98 10.40 8.59
C ILE B 270 -18.60 10.88 9.89
N LEU B 271 -19.87 10.54 10.08
CA LEU B 271 -20.62 10.94 11.26
C LEU B 271 -21.01 9.70 12.07
N THR B 272 -21.21 9.89 13.37
CA THR B 272 -21.66 8.80 14.23
C THR B 272 -22.93 9.16 15.00
N PRO B 273 -24.11 8.90 14.41
CA PRO B 273 -25.42 9.12 15.04
C PRO B 273 -25.69 8.17 16.21
#